data_9O7J
# 
_entry.id   9O7J 
# 
_audit_conform.dict_name       mmcif_pdbx.dic 
_audit_conform.dict_version    5.404 
_audit_conform.dict_location   http://mmcif.pdb.org/dictionaries/ascii/mmcif_pdbx.dic 
# 
loop_
_database_2.database_id 
_database_2.database_code 
_database_2.pdbx_database_accession 
_database_2.pdbx_DOI 
PDB   9O7J         pdb_00009o7j 10.2210/pdb9o7j/pdb 
WWPDB D_1000294851 ?            ?                   
EMDB  EMD-70201    ?            ?                   
# 
loop_
_pdbx_audit_revision_history.ordinal 
_pdbx_audit_revision_history.data_content_type 
_pdbx_audit_revision_history.major_revision 
_pdbx_audit_revision_history.minor_revision 
_pdbx_audit_revision_history.revision_date 
_pdbx_audit_revision_history.part_number 
1 'Structure model' 1 0 2025-07-30 ? 
2 'Structure model' 1 1 2025-09-03 ? 
# 
_pdbx_audit_revision_details.ordinal             1 
_pdbx_audit_revision_details.revision_ordinal    1 
_pdbx_audit_revision_details.data_content_type   'Structure model' 
_pdbx_audit_revision_details.provider            repository 
_pdbx_audit_revision_details.type                'Initial release' 
_pdbx_audit_revision_details.description         ? 
_pdbx_audit_revision_details.details             ? 
# 
loop_
_pdbx_audit_revision_group.ordinal 
_pdbx_audit_revision_group.revision_ordinal 
_pdbx_audit_revision_group.data_content_type 
_pdbx_audit_revision_group.group 
1 2 'Structure model' 'Data collection'     
2 2 'Structure model' 'Database references' 
# 
loop_
_pdbx_audit_revision_category.ordinal 
_pdbx_audit_revision_category.revision_ordinal 
_pdbx_audit_revision_category.data_content_type 
_pdbx_audit_revision_category.category 
1 2 'Structure model' citation        
2 2 'Structure model' citation_author 
3 2 'Structure model' em_admin        
# 
loop_
_pdbx_audit_revision_item.ordinal 
_pdbx_audit_revision_item.revision_ordinal 
_pdbx_audit_revision_item.data_content_type 
_pdbx_audit_revision_item.item 
1 2 'Structure model' '_citation.journal_volume'          
2 2 'Structure model' '_citation_author.identifier_ORCID' 
3 2 'Structure model' '_em_admin.last_update'             
# 
_pdbx_database_status.status_code                     REL 
_pdbx_database_status.status_code_sf                  ? 
_pdbx_database_status.status_code_mr                  ? 
_pdbx_database_status.entry_id                        9O7J 
_pdbx_database_status.recvd_initial_deposition_date   2025-04-15 
_pdbx_database_status.SG_entry                        N 
_pdbx_database_status.deposit_site                    RCSB 
_pdbx_database_status.process_site                    RCSB 
_pdbx_database_status.status_code_cs                  ? 
_pdbx_database_status.status_code_nmr_data            ? 
_pdbx_database_status.methods_development_category    ? 
_pdbx_database_status.pdb_format_compatible           N 
# 
_pdbx_database_related.db_name        EMDB 
_pdbx_database_related.details        'Cryo-Em of VEVAG Peptide 1' 
_pdbx_database_related.db_id          EMD-70201 
_pdbx_database_related.content_type   'associated EM volume' 
# 
_pdbx_contact_author.id                 2 
_pdbx_contact_author.email              fw2@uab.edu 
_pdbx_contact_author.name_first         Fengbin 
_pdbx_contact_author.name_last          Wang 
_pdbx_contact_author.name_mi            ? 
_pdbx_contact_author.role               'principal investigator/group leader' 
_pdbx_contact_author.identifier_ORCID   0000-0003-1008-663X 
# 
loop_
_audit_author.name 
_audit_author.pdbx_ordinal 
_audit_author.identifier_ORCID 
'Rich-New, S.T.' 1 ? 
'Wang, R.'       2 ? 
'Zia, A.'        3 ? 
'Tovar, J.D.'    4 ? 
'Wang, F.'       5 ? 
# 
_citation.abstract                  ? 
_citation.abstract_id_CAS           ? 
_citation.book_id_ISBN              ? 
_citation.book_publisher            ? 
_citation.book_publisher_city       ? 
_citation.book_title                ? 
_citation.coordinate_linkage        ? 
_citation.country                   ? 
_citation.database_id_Medline       ? 
_citation.details                   ? 
_citation.id                        primary 
_citation.journal_abbrev            'ACS Macro Lett' 
_citation.journal_id_ASTM           ? 
_citation.journal_id_CSD            ? 
_citation.journal_id_ISSN           2161-1653 
_citation.journal_full              ? 
_citation.journal_issue             ? 
_citation.journal_volume            14 
_citation.language                  ? 
_citation.page_first                1100 
_citation.page_last                 1106 
_citation.title                     
'Cryo-EM Visualization of Intermolecular pi-Electron Interactions within pi-Conjugated Peptidic Supramolecular Polymers.' 
_citation.year                      2025 
_citation.database_id_CSD           ? 
_citation.pdbx_database_id_DOI      10.1021/acsmacrolett.5c00360 
_citation.pdbx_database_id_PubMed   40686463 
_citation.pdbx_database_id_patent   ? 
_citation.unpublished_flag          ? 
# 
loop_
_citation_author.citation_id 
_citation_author.name 
_citation_author.ordinal 
_citation_author.identifier_ORCID 
primary 'Rich-New, S.T.' 1 ? 
primary 'Wang, R.'       2 ? 
primary 'Zia, A.'        3 ? 
primary 'Wang, F.'       4 ? 
primary 'Tovar, J.D.'    5 ? 
# 
loop_
_entity.id 
_entity.type 
_entity.src_method 
_entity.pdbx_description 
_entity.formula_weight 
_entity.pdbx_number_of_molecules 
_entity.pdbx_ec 
_entity.pdbx_mutation 
_entity.pdbx_fragment 
_entity.details 
1 polymer     syn 'pi-conjugated peptide'                   473.520 6 ? ? ? ? 
2 non-polymer syn 
;4,4'-(thiophene-2,5-diyl)dibenzoic acid
;
324.350 3 ? ? ? ? 
# 
_entity_poly.entity_id                      1 
_entity_poly.type                           'polypeptide(L)' 
_entity_poly.nstd_linkage                   no 
_entity_poly.nstd_monomer                   no 
_entity_poly.pdbx_seq_one_letter_code       GAVEV 
_entity_poly.pdbx_seq_one_letter_code_can   GAVEV 
_entity_poly.pdbx_strand_id                 C,D,B,F,A,H 
_entity_poly.pdbx_target_identifier         ? 
# 
_pdbx_entity_nonpoly.entity_id   2 
_pdbx_entity_nonpoly.name        
;4,4'-(thiophene-2,5-diyl)dibenzoic acid
;
_pdbx_entity_nonpoly.comp_id     A1B9Y 
# 
loop_
_entity_poly_seq.entity_id 
_entity_poly_seq.num 
_entity_poly_seq.mon_id 
_entity_poly_seq.hetero 
1 1 GLY n 
1 2 ALA n 
1 3 VAL n 
1 4 GLU n 
1 5 VAL n 
# 
_pdbx_entity_src_syn.entity_id              1 
_pdbx_entity_src_syn.pdbx_src_id            1 
_pdbx_entity_src_syn.pdbx_alt_source_flag   sample 
_pdbx_entity_src_syn.pdbx_beg_seq_num       1 
_pdbx_entity_src_syn.pdbx_end_seq_num       5 
_pdbx_entity_src_syn.organism_scientific    'synthetic construct' 
_pdbx_entity_src_syn.organism_common_name   ? 
_pdbx_entity_src_syn.ncbi_taxonomy_id       32630 
_pdbx_entity_src_syn.details                ? 
# 
loop_
_chem_comp.id 
_chem_comp.type 
_chem_comp.mon_nstd_flag 
_chem_comp.name 
_chem_comp.pdbx_synonyms 
_chem_comp.formula 
_chem_comp.formula_weight 
A1B9Y non-polymer         . 
;4,4'-(thiophene-2,5-diyl)dibenzoic acid
;
? 'C18 H12 O4 S' 324.350 
ALA   'L-peptide linking' y ALANINE                                   ? 'C3 H7 N O2'   89.093  
GLU   'L-peptide linking' y 'GLUTAMIC ACID'                           ? 'C5 H9 N O4'   147.129 
GLY   'peptide linking'   y GLYCINE                                   ? 'C2 H5 N O2'   75.067  
VAL   'L-peptide linking' y VALINE                                    ? 'C5 H11 N O2'  117.146 
# 
loop_
_pdbx_poly_seq_scheme.asym_id 
_pdbx_poly_seq_scheme.entity_id 
_pdbx_poly_seq_scheme.seq_id 
_pdbx_poly_seq_scheme.mon_id 
_pdbx_poly_seq_scheme.ndb_seq_num 
_pdbx_poly_seq_scheme.pdb_seq_num 
_pdbx_poly_seq_scheme.auth_seq_num 
_pdbx_poly_seq_scheme.pdb_mon_id 
_pdbx_poly_seq_scheme.auth_mon_id 
_pdbx_poly_seq_scheme.pdb_strand_id 
_pdbx_poly_seq_scheme.pdb_ins_code 
_pdbx_poly_seq_scheme.hetero 
A 1 1 GLY 1 1   1   GLY GLY C . n 
A 1 2 ALA 2 2   2   ALA ALA C . n 
A 1 3 VAL 3 3   3   VAL VAL C . n 
A 1 4 GLU 4 4   4   GLU GLU C . n 
A 1 5 VAL 5 5   5   VAL VAL C . n 
B 1 1 GLY 1 101 101 GLY GLY D . n 
B 1 2 ALA 2 102 ?   ?   ?   D . n 
B 1 3 VAL 3 103 ?   ?   ?   D . n 
B 1 4 GLU 4 104 ?   ?   ?   D . n 
B 1 5 VAL 5 105 ?   ?   ?   D . n 
C 1 1 GLY 1 1   1   GLY GLY B . n 
C 1 2 ALA 2 2   2   ALA ALA B . n 
C 1 3 VAL 3 3   3   VAL VAL B . n 
C 1 4 GLU 4 4   4   GLU GLU B . n 
C 1 5 VAL 5 5   5   VAL VAL B . n 
D 1 1 GLY 1 101 101 GLY GLY F . n 
D 1 2 ALA 2 102 102 ALA ALA F . n 
D 1 3 VAL 3 103 103 VAL VAL F . n 
D 1 4 GLU 4 104 104 GLU GLU F . n 
D 1 5 VAL 5 105 105 VAL VAL F . n 
E 1 1 GLY 1 1   1   GLY GLY A . n 
E 1 2 ALA 2 2   2   ALA ALA A . n 
E 1 3 VAL 3 3   3   VAL VAL A . n 
E 1 4 GLU 4 4   4   GLU GLU A . n 
E 1 5 VAL 5 5   5   VAL VAL A . n 
F 1 1 GLY 1 101 101 GLY GLY H . n 
F 1 2 ALA 2 102 102 ALA ALA H . n 
F 1 3 VAL 3 103 103 VAL VAL H . n 
F 1 4 GLU 4 104 104 GLU GLU H . n 
F 1 5 VAL 5 105 105 VAL VAL H . n 
# 
_pdbx_entity_instance_feature.ordinal        1 
_pdbx_entity_instance_feature.comp_id        A1B9Y 
_pdbx_entity_instance_feature.asym_id        ? 
_pdbx_entity_instance_feature.seq_num        ? 
_pdbx_entity_instance_feature.auth_comp_id   A1B9Y 
_pdbx_entity_instance_feature.auth_asym_id   ? 
_pdbx_entity_instance_feature.auth_seq_num   ? 
_pdbx_entity_instance_feature.feature_type   'SUBJECT OF INVESTIGATION' 
_pdbx_entity_instance_feature.details        ? 
# 
loop_
_pdbx_nonpoly_scheme.asym_id 
_pdbx_nonpoly_scheme.entity_id 
_pdbx_nonpoly_scheme.mon_id 
_pdbx_nonpoly_scheme.ndb_seq_num 
_pdbx_nonpoly_scheme.pdb_seq_num 
_pdbx_nonpoly_scheme.auth_seq_num 
_pdbx_nonpoly_scheme.pdb_mon_id 
_pdbx_nonpoly_scheme.auth_mon_id 
_pdbx_nonpoly_scheme.pdb_strand_id 
_pdbx_nonpoly_scheme.pdb_ins_code 
G 2 A1B9Y 1 201 201 A1B9Y SM0 C . 
H 2 A1B9Y 1 201 201 A1B9Y SM0 B . 
I 2 A1B9Y 1 201 201 A1B9Y SM0 A . 
# 
_cell.angle_alpha                  90.00 
_cell.angle_alpha_esd              ? 
_cell.angle_beta                   90.00 
_cell.angle_beta_esd               ? 
_cell.angle_gamma                  90.00 
_cell.angle_gamma_esd              ? 
_cell.entry_id                     9O7J 
_cell.details                      ? 
_cell.formula_units_Z              ? 
_cell.length_a                     1.00 
_cell.length_a_esd                 ? 
_cell.length_b                     1.00 
_cell.length_b_esd                 ? 
_cell.length_c                     1.00 
_cell.length_c_esd                 ? 
_cell.volume                       ? 
_cell.volume_esd                   ? 
_cell.Z_PDB                        ? 
_cell.reciprocal_angle_alpha       ? 
_cell.reciprocal_angle_beta        ? 
_cell.reciprocal_angle_gamma       ? 
_cell.reciprocal_angle_alpha_esd   ? 
_cell.reciprocal_angle_beta_esd    ? 
_cell.reciprocal_angle_gamma_esd   ? 
_cell.reciprocal_length_a          ? 
_cell.reciprocal_length_b          ? 
_cell.reciprocal_length_c          ? 
_cell.reciprocal_length_a_esd      ? 
_cell.reciprocal_length_b_esd      ? 
_cell.reciprocal_length_c_esd      ? 
_cell.pdbx_unique_axis             ? 
_cell.pdbx_esd_method              ? 
# 
_symmetry.entry_id                         9O7J 
_symmetry.cell_setting                     ? 
_symmetry.Int_Tables_number                1 
_symmetry.space_group_name_Hall            ? 
_symmetry.space_group_name_H-M             'P 1' 
_symmetry.pdbx_full_space_group_name_H-M   ? 
# 
_exptl.absorpt_coefficient_mu     ? 
_exptl.absorpt_correction_T_max   ? 
_exptl.absorpt_correction_T_min   ? 
_exptl.absorpt_correction_type    ? 
_exptl.absorpt_process_details    ? 
_exptl.entry_id                   9O7J 
_exptl.crystals_number            ? 
_exptl.details                    ? 
_exptl.method                     'ELECTRON MICROSCOPY' 
_exptl.method_details             ? 
# 
_refine.aniso_B[1][1]                            ? 
_refine.aniso_B[1][2]                            ? 
_refine.aniso_B[1][3]                            ? 
_refine.aniso_B[2][2]                            ? 
_refine.aniso_B[2][3]                            ? 
_refine.aniso_B[3][3]                            ? 
_refine.B_iso_max                                ? 
_refine.B_iso_mean                               ? 
_refine.B_iso_min                                ? 
_refine.correlation_coeff_Fo_to_Fc               ? 
_refine.correlation_coeff_Fo_to_Fc_free          ? 
_refine.details                                  ? 
_refine.diff_density_max                         ? 
_refine.diff_density_max_esd                     ? 
_refine.diff_density_min                         ? 
_refine.diff_density_min_esd                     ? 
_refine.diff_density_rms                         ? 
_refine.diff_density_rms_esd                     ? 
_refine.entry_id                                 9O7J 
_refine.pdbx_refine_id                           'ELECTRON MICROSCOPY' 
_refine.ls_abs_structure_details                 ? 
_refine.ls_abs_structure_Flack                   ? 
_refine.ls_abs_structure_Flack_esd               ? 
_refine.ls_abs_structure_Rogers                  ? 
_refine.ls_abs_structure_Rogers_esd              ? 
_refine.ls_d_res_high                            . 
_refine.ls_d_res_low                             ? 
_refine.ls_extinction_coef                       ? 
_refine.ls_extinction_coef_esd                   ? 
_refine.ls_extinction_expression                 ? 
_refine.ls_extinction_method                     ? 
_refine.ls_goodness_of_fit_all                   ? 
_refine.ls_goodness_of_fit_all_esd               ? 
_refine.ls_goodness_of_fit_obs                   ? 
_refine.ls_goodness_of_fit_obs_esd               ? 
_refine.ls_hydrogen_treatment                    ? 
_refine.ls_matrix_type                           ? 
_refine.ls_number_constraints                    ? 
_refine.ls_number_parameters                     ? 
_refine.ls_number_reflns_all                     ? 
_refine.ls_number_reflns_obs                     ? 
_refine.ls_number_reflns_R_free                  ? 
_refine.ls_number_reflns_R_work                  ? 
_refine.ls_number_restraints                     ? 
_refine.ls_percent_reflns_obs                    ? 
_refine.ls_percent_reflns_R_free                 ? 
_refine.ls_R_factor_all                          ? 
_refine.ls_R_factor_obs                          ? 
_refine.ls_R_factor_R_free                       ? 
_refine.ls_R_factor_R_free_error                 ? 
_refine.ls_R_factor_R_free_error_details         ? 
_refine.ls_R_factor_R_work                       ? 
_refine.ls_R_Fsqd_factor_obs                     ? 
_refine.ls_R_I_factor_obs                        ? 
_refine.ls_redundancy_reflns_all                 ? 
_refine.ls_redundancy_reflns_obs                 ? 
_refine.ls_restrained_S_all                      ? 
_refine.ls_restrained_S_obs                      ? 
_refine.ls_shift_over_esd_max                    ? 
_refine.ls_shift_over_esd_mean                   ? 
_refine.ls_structure_factor_coef                 ? 
_refine.ls_weighting_details                     ? 
_refine.ls_weighting_scheme                      ? 
_refine.ls_wR_factor_all                         ? 
_refine.ls_wR_factor_obs                         ? 
_refine.ls_wR_factor_R_free                      ? 
_refine.ls_wR_factor_R_work                      ? 
_refine.occupancy_max                            ? 
_refine.occupancy_min                            ? 
_refine.solvent_model_details                    ? 
_refine.solvent_model_param_bsol                 ? 
_refine.solvent_model_param_ksol                 ? 
_refine.correlation_coeff_I_to_Fcsqd_work        ? 
_refine.correlation_coeff_I_to_Fcsqd_free        ? 
_refine.pdbx_R_complete                          ? 
_refine.ls_R_factor_gt                           ? 
_refine.ls_goodness_of_fit_gt                    ? 
_refine.ls_goodness_of_fit_ref                   ? 
_refine.ls_shift_over_su_max                     ? 
_refine.ls_shift_over_su_max_lt                  ? 
_refine.ls_shift_over_su_mean                    ? 
_refine.ls_shift_over_su_mean_lt                 ? 
_refine.pdbx_ls_sigma_I                          ? 
_refine.pdbx_ls_sigma_F                          ? 
_refine.pdbx_ls_sigma_Fsqd                       ? 
_refine.pdbx_data_cutoff_high_absF               ? 
_refine.pdbx_data_cutoff_high_rms_absF           ? 
_refine.pdbx_data_cutoff_low_absF                ? 
_refine.pdbx_isotropic_thermal_model             ? 
_refine.pdbx_ls_cross_valid_method               ? 
_refine.pdbx_method_to_determine_struct          ? 
_refine.pdbx_starting_model                      ? 
_refine.pdbx_stereochemistry_target_values       'REAL-SPACE (WEIGHTED MAP SUM AT ATOM CENTERS)' 
_refine.pdbx_R_Free_selection_details            ? 
_refine.pdbx_stereochem_target_val_spec_case     ? 
_refine.pdbx_overall_ESU_R                       ? 
_refine.pdbx_overall_ESU_R_Free                  ? 
_refine.pdbx_solvent_vdw_probe_radii             ? 
_refine.pdbx_solvent_ion_probe_radii             ? 
_refine.pdbx_solvent_shrinkage_radii             ? 
_refine.pdbx_real_space_R                        ? 
_refine.pdbx_density_correlation                 ? 
_refine.pdbx_pd_number_of_powder_patterns        ? 
_refine.pdbx_pd_number_of_points                 ? 
_refine.pdbx_pd_meas_number_of_points            ? 
_refine.pdbx_pd_proc_ls_prof_R_factor            ? 
_refine.pdbx_pd_proc_ls_prof_wR_factor           ? 
_refine.pdbx_pd_Marquardt_correlation_coeff      ? 
_refine.pdbx_pd_Fsqrd_R_factor                   ? 
_refine.pdbx_pd_ls_matrix_band_width             ? 
_refine.pdbx_overall_phase_error                 ? 
_refine.pdbx_overall_SU_R_free_Cruickshank_DPI   ? 
_refine.pdbx_overall_SU_R_free_Blow_DPI          ? 
_refine.pdbx_overall_SU_R_Blow_DPI               ? 
_refine.pdbx_TLS_residual_ADP_flag               ? 
_refine.pdbx_diffrn_id                           ? 
_refine.overall_SU_B                             ? 
_refine.overall_SU_ML                            ? 
_refine.overall_SU_R_Cruickshank_DPI             ? 
_refine.overall_SU_R_free                        ? 
_refine.overall_FOM_free_R_set                   ? 
_refine.overall_FOM_work_R_set                   ? 
_refine.pdbx_average_fsc_overall                 ? 
_refine.pdbx_average_fsc_work                    ? 
_refine.pdbx_average_fsc_free                    ? 
# 
loop_
_refine_ls_restr.pdbx_refine_id 
_refine_ls_restr.criterion 
_refine_ls_restr.dev_ideal 
_refine_ls_restr.dev_ideal_target 
_refine_ls_restr.number 
_refine_ls_restr.rejects 
_refine_ls_restr.type 
_refine_ls_restr.weight 
_refine_ls_restr.pdbx_Zscore 
_refine_ls_restr.pdbx_restraint_function 
'ELECTRON MICROSCOPY' ? 0.006  ? 4176 ? f_bond_d           ? ? ? 
'ELECTRON MICROSCOPY' ? 2.395  ? 5580 ? f_angle_d          ? ? ? 
'ELECTRON MICROSCOPY' ? 28.718 ? 666  ? f_dihedral_angle_d ? ? ? 
'ELECTRON MICROSCOPY' ? 0.046  ? 540  ? f_chiral_restr     ? ? ? 
'ELECTRON MICROSCOPY' ? 0.004  ? 702  ? f_plane_restr      ? ? ? 
# 
_struct.entry_id                     9O7J 
_struct.title                        'Cryo-EM of VEVAG Peptide 1' 
_struct.pdbx_model_details           ? 
_struct.pdbx_formula_weight          ? 
_struct.pdbx_formula_weight_method   ? 
_struct.pdbx_model_type_details      ? 
_struct.pdbx_CASP_flag               N 
# 
_struct_keywords.entry_id        9O7J 
_struct_keywords.text            'peptide fiber, helical polymer, protein fibril' 
_struct_keywords.pdbx_keywords   'PROTEIN FIBRIL' 
# 
loop_
_struct_asym.id 
_struct_asym.pdbx_blank_PDB_chainid_flag 
_struct_asym.pdbx_modified 
_struct_asym.entity_id 
_struct_asym.details 
A N N 1 ? 
B N N 1 ? 
C N N 1 ? 
D N N 1 ? 
E N N 1 ? 
F N N 1 ? 
G N N 2 ? 
H N N 2 ? 
I N N 2 ? 
# 
_struct_ref.id                         1 
_struct_ref.db_name                    PDB 
_struct_ref.db_code                    9O7J 
_struct_ref.pdbx_db_accession          9O7J 
_struct_ref.pdbx_db_isoform            ? 
_struct_ref.entity_id                  1 
_struct_ref.pdbx_seq_one_letter_code   ? 
_struct_ref.pdbx_align_begin           1 
# 
loop_
_struct_ref_seq.align_id 
_struct_ref_seq.ref_id 
_struct_ref_seq.pdbx_PDB_id_code 
_struct_ref_seq.pdbx_strand_id 
_struct_ref_seq.seq_align_beg 
_struct_ref_seq.pdbx_seq_align_beg_ins_code 
_struct_ref_seq.seq_align_end 
_struct_ref_seq.pdbx_seq_align_end_ins_code 
_struct_ref_seq.pdbx_db_accession 
_struct_ref_seq.db_align_beg 
_struct_ref_seq.pdbx_db_align_beg_ins_code 
_struct_ref_seq.db_align_end 
_struct_ref_seq.pdbx_db_align_end_ins_code 
_struct_ref_seq.pdbx_auth_seq_align_beg 
_struct_ref_seq.pdbx_auth_seq_align_end 
1 1 9O7J C 1 ? 5 ? 9O7J 1   ? 5   ? 1   5   
2 1 9O7J D 1 ? 5 ? 9O7J 101 ? 105 ? 101 105 
3 1 9O7J B 1 ? 5 ? 9O7J 1   ? 5   ? 1   5   
4 1 9O7J F 1 ? 5 ? 9O7J 101 ? 105 ? 101 105 
5 1 9O7J A 1 ? 5 ? 9O7J 1   ? 5   ? 1   5   
6 1 9O7J H 1 ? 5 ? 9O7J 101 ? 105 ? 101 105 
# 
loop_
_pdbx_struct_assembly.id 
_pdbx_struct_assembly.details 
_pdbx_struct_assembly.method_details 
_pdbx_struct_assembly.oligomeric_details 
_pdbx_struct_assembly.oligomeric_count 
1 'representative helical assembly' ? 108-meric 108 
2 'helical asymmetric unit'         ? hexameric 6   
# 
loop_
_pdbx_struct_assembly_gen.assembly_id 
_pdbx_struct_assembly_gen.oper_expression 
_pdbx_struct_assembly_gen.asym_id_list 
1 '(1-18)' A,B,C,D,E,F,G,H,I 
2 1        A,B,C,D,E,F,G,H,I 
# 
_pdbx_struct_assembly_auth_evidence.id                     1 
_pdbx_struct_assembly_auth_evidence.assembly_id            1 
_pdbx_struct_assembly_auth_evidence.experimental_support   'electron microscopy' 
_pdbx_struct_assembly_auth_evidence.details                'not applicable' 
# 
loop_
_pdbx_struct_oper_list.id 
_pdbx_struct_oper_list.type 
_pdbx_struct_oper_list.name 
_pdbx_struct_oper_list.symmetry_operation 
_pdbx_struct_oper_list.matrix[1][1] 
_pdbx_struct_oper_list.matrix[1][2] 
_pdbx_struct_oper_list.matrix[1][3] 
_pdbx_struct_oper_list.vector[1] 
_pdbx_struct_oper_list.matrix[2][1] 
_pdbx_struct_oper_list.matrix[2][2] 
_pdbx_struct_oper_list.matrix[2][3] 
_pdbx_struct_oper_list.vector[2] 
_pdbx_struct_oper_list.matrix[3][1] 
_pdbx_struct_oper_list.matrix[3][2] 
_pdbx_struct_oper_list.matrix[3][3] 
_pdbx_struct_oper_list.vector[3] 
1  'identity operation'         1_555 x,y,z 1.00000000  0.00000000  0.00000000  0.00000  0.00000000  1.00000000 0.00000000  0.00000   0.00000000  0.00000000  1.00000000  0.00000   
2  'helical symmetry operation' ?     ?     0.95722741  -0.11766625 -0.26433140 -6.69166 0.10169017  0.99210607 -0.07338109 16.27405  0.27087921  0.04336275  0.96163652  -7.84251  
3  'helical symmetry operation' ?     ?     0.97586133  -0.08730916 -0.20017991 -5.05071 0.07829307  0.99554507 -0.05253806 12.23118  0.20387516  0.03559723  0.97834960  -5.80231  
4  'helical symmetry operation' ?     ?     0.98924704  -0.05746790 -0.13449385 -3.38572 0.05345154  0.99801548 -0.03328954 8.17213   0.13613996  0.02574298  0.99035548  -3.81437  
5  'helical symmetry operation' ?     ?     0.99730768  -0.02831073 -0.06764285 -1.70076 0.02730512  0.99950312 -0.01574443 4.09550   0.06805500  0.01385492  0.99758521  -1.87996  
6  'helical symmetry operation' ?     ?     0.99730768  0.02730512  0.06805500  1.71230  -0.02831073 0.99950312 0.01385492  -4.11557  -0.06764285 -0.01574443 0.99758521  1.82485   
7  'helical symmetry operation' ?     ?     0.98924704  0.05345154  0.13613996  3.43178  -0.05746790 0.99801548 0.02574298  -8.25229  -0.13449385 -0.03328954 0.99035548  3.59428   
8  'helical symmetry operation' ?     ?     0.97586133  0.07829307  0.20387516  5.15412  -0.08730916 0.99554507 0.03559723  -12.41112 -0.20017991 -0.05253806 0.97834960  5.30824   
9  'helical symmetry operation' ?     ?     0.95722741  0.10169017  0.27087921  6.87490  -0.11766625 0.99210607 0.04336275  -16.59289 -0.26433140 -0.07338109 0.96163652  6.96704   
10 'helical symmetry operation' ?     ?     -0.87894337 -0.24122590 0.41142358  3.28999  -0.46058232 0.65323031 -0.60096109 11.02981  -0.12378703 -0.71770493 -0.68525694 -25.95033 
11 'helical symmetry operation' ?     ?     -0.89757729 -0.27158299 0.34727209  3.52855  -0.43718522 0.64979132 -0.62180412 6.45608   -0.05678298 -0.70993941 -0.70197003 -24.45901 
12 'helical symmetry operation' ?     ?     -0.91096300 -0.30142425 0.28158603  3.74308  -0.41234369 0.64732091 -0.64105264 1.89853   0.01095222  -0.70008516 -0.71397591 -22.91543 
13 'helical symmetry operation' ?     ?     -0.91902364 -0.33058141 0.21473503  3.93763  -0.38619727 0.64583327 -0.65859775 -2.64144  0.07903718  -0.68819710 -0.72120563 -21.31832 
14 'helical symmetry operation' ?     ?     -0.92171596 -0.35889215 0.14709218  4.11638  -0.35889215 0.64533639 -0.67434218 -7.16254  0.14709218  -0.67434218 -0.72362042 -19.66676 
15 'helical symmetry operation' ?     ?     -0.91902364 -0.38619727 0.07903718  4.28360  -0.33058141 0.64583327 -0.68819710 -11.66357 0.21473503  -0.65859775 -0.72120563 -17.96009 
16 'helical symmetry operation' ?     ?     -0.91096300 -0.41234369 0.01095222  4.44362  -0.30142425 0.64732091 -0.70008516 -16.14345 0.28158603  -0.64105264 -0.71397591 -16.19800 
17 'helical symmetry operation' ?     ?     -0.89757729 -0.43718522 -0.05678298 4.60080  -0.27158299 0.64979132 -0.70993941 -20.60123 0.34727209  -0.62180412 -0.70197003 -14.38044 
18 'helical symmetry operation' ?     ?     -0.87894337 -0.46058232 -0.12378703 4.75953  -0.24122590 0.65323031 -0.71770493 -25.03605 0.41142358  -0.60096109 -0.68525694 -12.50773  
# 
loop_
_struct_conn.id 
_struct_conn.conn_type_id 
_struct_conn.pdbx_leaving_atom_flag 
_struct_conn.pdbx_PDB_id 
_struct_conn.ptnr1_label_asym_id 
_struct_conn.ptnr1_label_comp_id 
_struct_conn.ptnr1_label_seq_id 
_struct_conn.ptnr1_label_atom_id 
_struct_conn.pdbx_ptnr1_label_alt_id 
_struct_conn.pdbx_ptnr1_PDB_ins_code 
_struct_conn.pdbx_ptnr1_standard_comp_id 
_struct_conn.ptnr1_symmetry 
_struct_conn.ptnr2_label_asym_id 
_struct_conn.ptnr2_label_comp_id 
_struct_conn.ptnr2_label_seq_id 
_struct_conn.ptnr2_label_atom_id 
_struct_conn.pdbx_ptnr2_label_alt_id 
_struct_conn.pdbx_ptnr2_PDB_ins_code 
_struct_conn.ptnr1_auth_asym_id 
_struct_conn.ptnr1_auth_comp_id 
_struct_conn.ptnr1_auth_seq_id 
_struct_conn.ptnr2_auth_asym_id 
_struct_conn.ptnr2_auth_comp_id 
_struct_conn.ptnr2_auth_seq_id 
_struct_conn.ptnr2_symmetry 
_struct_conn.pdbx_ptnr3_label_atom_id 
_struct_conn.pdbx_ptnr3_label_seq_id 
_struct_conn.pdbx_ptnr3_label_comp_id 
_struct_conn.pdbx_ptnr3_label_asym_id 
_struct_conn.pdbx_ptnr3_label_alt_id 
_struct_conn.pdbx_ptnr3_PDB_ins_code 
_struct_conn.details 
_struct_conn.pdbx_dist_value 
_struct_conn.pdbx_value_order 
_struct_conn.pdbx_role 
covale1 covale both ? A GLY   1 N   ? ? ? 1_555 G A1B9Y . C02 ? ? C GLY   1   C A1B9Y 201 1_555 ? ? ? ? ? ? ? 1.463 ? ? 
covale2 covale both ? G A1B9Y . C15 ? ? ? 1_555 B GLY   1 N   ? ? C A1B9Y 201 D GLY   101 1_555 ? ? ? ? ? ? ? 1.465 ? ? 
covale3 covale both ? C GLY   1 N   ? ? ? 1_555 H A1B9Y . C02 ? ? B GLY   1   B A1B9Y 201 1_555 ? ? ? ? ? ? ? 1.468 ? ? 
covale4 covale both ? H A1B9Y . C15 ? ? ? 1_555 D GLY   1 N   ? ? B A1B9Y 201 F GLY   101 1_555 ? ? ? ? ? ? ? 1.513 ? ? 
covale5 covale both ? E GLY   1 N   ? ? ? 1_555 I A1B9Y . C02 ? ? A GLY   1   A A1B9Y 201 1_555 ? ? ? ? ? ? ? 1.461 ? ? 
covale6 covale both ? I A1B9Y . C15 ? ? ? 1_555 F GLY   1 N   ? ? A A1B9Y 201 H GLY   101 1_555 ? ? ? ? ? ? ? 1.464 ? ? 
# 
_struct_conn_type.id          covale 
_struct_conn_type.criteria    ? 
_struct_conn_type.reference   ? 
# 
loop_
_pdbx_modification_feature.ordinal 
_pdbx_modification_feature.label_comp_id 
_pdbx_modification_feature.label_asym_id 
_pdbx_modification_feature.label_seq_id 
_pdbx_modification_feature.label_alt_id 
_pdbx_modification_feature.modified_residue_label_comp_id 
_pdbx_modification_feature.modified_residue_label_asym_id 
_pdbx_modification_feature.modified_residue_label_seq_id 
_pdbx_modification_feature.modified_residue_label_alt_id 
_pdbx_modification_feature.auth_comp_id 
_pdbx_modification_feature.auth_asym_id 
_pdbx_modification_feature.auth_seq_id 
_pdbx_modification_feature.PDB_ins_code 
_pdbx_modification_feature.symmetry 
_pdbx_modification_feature.modified_residue_auth_comp_id 
_pdbx_modification_feature.modified_residue_auth_asym_id 
_pdbx_modification_feature.modified_residue_auth_seq_id 
_pdbx_modification_feature.modified_residue_PDB_ins_code 
_pdbx_modification_feature.modified_residue_symmetry 
_pdbx_modification_feature.comp_id_linking_atom 
_pdbx_modification_feature.modified_residue_id_linking_atom 
_pdbx_modification_feature.modified_residue_id 
_pdbx_modification_feature.ref_pcm_id 
_pdbx_modification_feature.ref_comp_id 
_pdbx_modification_feature.type 
_pdbx_modification_feature.category 
1 A1B9Y G . ? GLY A 1 ? A1B9Y C 201 ? 1_555 GLY C 1   ? 1_555 C02 N GLY 1 A1B9Y None Crosslinker 
2 A1B9Y G . ? GLY B 1 ? A1B9Y C 201 ? 1_555 GLY D 101 ? 1_555 C15 N GLY 2 A1B9Y None Crosslinker 
3 A1B9Y H . ? GLY C 1 ? A1B9Y B 201 ? 1_555 GLY B 1   ? 1_555 C02 N GLY 1 A1B9Y None Crosslinker 
4 A1B9Y H . ? GLY D 1 ? A1B9Y B 201 ? 1_555 GLY F 101 ? 1_555 C15 N GLY 2 A1B9Y None Crosslinker 
5 A1B9Y I . ? GLY E 1 ? A1B9Y A 201 ? 1_555 GLY A 1   ? 1_555 C02 N GLY 1 A1B9Y None Crosslinker 
6 A1B9Y I . ? GLY F 1 ? A1B9Y A 201 ? 1_555 GLY H 101 ? 1_555 C15 N GLY 2 A1B9Y None Crosslinker 
# 
_pdbx_entry_details.entry_id                   9O7J 
_pdbx_entry_details.nonpolymer_details         ? 
_pdbx_entry_details.sequence_details           ? 
_pdbx_entry_details.compound_details           ? 
_pdbx_entry_details.source_details             ? 
_pdbx_entry_details.has_ligand_of_interest     Y 
_pdbx_entry_details.has_protein_modification   Y 
# 
_pdbx_validate_close_contact.id               1 
_pdbx_validate_close_contact.PDB_model_num    1 
_pdbx_validate_close_contact.auth_atom_id_1   N 
_pdbx_validate_close_contact.auth_asym_id_1   A 
_pdbx_validate_close_contact.auth_comp_id_1   GLY 
_pdbx_validate_close_contact.auth_seq_id_1    1 
_pdbx_validate_close_contact.PDB_ins_code_1   ? 
_pdbx_validate_close_contact.label_alt_id_1   ? 
_pdbx_validate_close_contact.auth_atom_id_2   O01 
_pdbx_validate_close_contact.auth_asym_id_2   A 
_pdbx_validate_close_contact.auth_comp_id_2   A1B9Y 
_pdbx_validate_close_contact.auth_seq_id_2    201 
_pdbx_validate_close_contact.PDB_ins_code_2   ? 
_pdbx_validate_close_contact.label_alt_id_2   ? 
_pdbx_validate_close_contact.dist             1.69 
# 
_pdbx_helical_symmetry.entry_id                  9O7J 
_pdbx_helical_symmetry.number_of_operations      18 
_pdbx_helical_symmetry.rotation_per_n_subunits   -4.29 
_pdbx_helical_symmetry.rise_per_n_subunits       4.75 
_pdbx_helical_symmetry.n_subunits_divisor        1 
_pdbx_helical_symmetry.dyad_axis                 no 
_pdbx_helical_symmetry.circular_symmetry         2 
# 
_em_3d_fitting.id                1 
_em_3d_fitting.entry_id          9O7J 
_em_3d_fitting.method            ? 
_em_3d_fitting.target_criteria   ? 
_em_3d_fitting.details           ? 
_em_3d_fitting.overall_b_value   ? 
_em_3d_fitting.ref_space         ? 
_em_3d_fitting.ref_protocol      ? 
# 
_em_3d_reconstruction.entry_id                    9O7J 
_em_3d_reconstruction.id                          1 
_em_3d_reconstruction.method                      ? 
_em_3d_reconstruction.algorithm                   ? 
_em_3d_reconstruction.citation_id                 ? 
_em_3d_reconstruction.details                     ? 
_em_3d_reconstruction.resolution                  3.2 
_em_3d_reconstruction.resolution_method           'FSC 0.143 CUT-OFF' 
_em_3d_reconstruction.magnification_calibration   ? 
_em_3d_reconstruction.nominal_pixel_size          ? 
_em_3d_reconstruction.actual_pixel_size           ? 
_em_3d_reconstruction.num_particles               304634 
_em_3d_reconstruction.euler_angles_details        ? 
_em_3d_reconstruction.num_class_averages          ? 
_em_3d_reconstruction.refinement_type             ? 
_em_3d_reconstruction.image_processing_id         1 
_em_3d_reconstruction.symmetry_type               HELICAL 
# 
_em_buffer.id            1 
_em_buffer.specimen_id   1 
_em_buffer.name          ? 
_em_buffer.details       ? 
_em_buffer.pH            7 
# 
_em_entity_assembly.id                   1 
_em_entity_assembly.parent_id            0 
_em_entity_assembly.source               NATURAL 
_em_entity_assembly.type                 COMPLEX 
_em_entity_assembly.name                 'VEVAG peptide fibril' 
_em_entity_assembly.details              ? 
_em_entity_assembly.synonym              ? 
_em_entity_assembly.oligomeric_details   ? 
_em_entity_assembly.entity_id_list       '1, 2' 
# 
_em_imaging.entry_id                        9O7J 
_em_imaging.id                              1 
_em_imaging.astigmatism                     ? 
_em_imaging.electron_beam_tilt_params       ? 
_em_imaging.residual_tilt                   ? 
_em_imaging.microscope_model                'TFS KRIOS' 
_em_imaging.specimen_holder_type            ? 
_em_imaging.specimen_holder_model           ? 
_em_imaging.details                         ? 
_em_imaging.date                            ? 
_em_imaging.accelerating_voltage            300 
_em_imaging.illumination_mode               'FLOOD BEAM' 
_em_imaging.mode                            'BRIGHT FIELD' 
_em_imaging.nominal_cs                      ? 
_em_imaging.nominal_defocus_min             1000 
_em_imaging.nominal_defocus_max             2000 
_em_imaging.calibrated_defocus_min          ? 
_em_imaging.calibrated_defocus_max          ? 
_em_imaging.tilt_angle_min                  ? 
_em_imaging.tilt_angle_max                  ? 
_em_imaging.nominal_magnification           ? 
_em_imaging.calibrated_magnification        ? 
_em_imaging.electron_source                 'FIELD EMISSION GUN' 
_em_imaging.citation_id                     ? 
_em_imaging.temperature                     ? 
_em_imaging.detector_distance               ? 
_em_imaging.recording_temperature_minimum   ? 
_em_imaging.recording_temperature_maximum   ? 
_em_imaging.alignment_procedure             ? 
_em_imaging.c2_aperture_diameter            ? 
_em_imaging.specimen_id                     1 
_em_imaging.cryogen                         ? 
_em_imaging.objective_aperture              ? 
_em_imaging.microscope_serial_number        ? 
_em_imaging.microscope_version              ? 
# 
_em_vitrification.entry_id              9O7J 
_em_vitrification.id                    1 
_em_vitrification.specimen_id           1 
_em_vitrification.cryogen_name          ETHANE 
_em_vitrification.humidity              ? 
_em_vitrification.temp                  ? 
_em_vitrification.chamber_temperature   ? 
_em_vitrification.instrument            ? 
_em_vitrification.method                ? 
_em_vitrification.time_resolved_state   ? 
_em_vitrification.citation_id           ? 
_em_vitrification.details               ? 
# 
_em_experiment.entry_id                9O7J 
_em_experiment.id                      1 
_em_experiment.reconstruction_method   HELICAL 
_em_experiment.aggregation_state       FILAMENT 
_em_experiment.entity_assembly_id      1 
# 
loop_
_pdbx_unobs_or_zero_occ_residues.id 
_pdbx_unobs_or_zero_occ_residues.PDB_model_num 
_pdbx_unobs_or_zero_occ_residues.polymer_flag 
_pdbx_unobs_or_zero_occ_residues.occupancy_flag 
_pdbx_unobs_or_zero_occ_residues.auth_asym_id 
_pdbx_unobs_or_zero_occ_residues.auth_comp_id 
_pdbx_unobs_or_zero_occ_residues.auth_seq_id 
_pdbx_unobs_or_zero_occ_residues.PDB_ins_code 
_pdbx_unobs_or_zero_occ_residues.label_asym_id 
_pdbx_unobs_or_zero_occ_residues.label_comp_id 
_pdbx_unobs_or_zero_occ_residues.label_seq_id 
1 1 Y 1 D ALA 102 ? B ALA 2 
2 1 Y 1 D VAL 103 ? B VAL 3 
3 1 Y 1 D GLU 104 ? B GLU 4 
4 1 Y 1 D VAL 105 ? B VAL 5 
# 
loop_
_chem_comp_atom.comp_id 
_chem_comp_atom.atom_id 
_chem_comp_atom.type_symbol 
_chem_comp_atom.pdbx_aromatic_flag 
_chem_comp_atom.pdbx_stereo_config 
_chem_comp_atom.pdbx_ordinal 
A1B9Y C02  C N N 1  
A1B9Y C03  C Y N 2  
A1B9Y C04  C Y N 3  
A1B9Y C05  C Y N 4  
A1B9Y C06  C Y N 5  
A1B9Y C07  C Y N 6  
A1B9Y C08  C Y N 7  
A1B9Y C09  C Y N 8  
A1B9Y C10  C Y N 9  
A1B9Y C11  C Y N 10 
A1B9Y C12  C Y N 11 
A1B9Y C13  C Y N 12 
A1B9Y C14  C Y N 13 
A1B9Y C15  C N N 14 
A1B9Y C17  C Y N 15 
A1B9Y C18  C Y N 16 
A1B9Y C20  C Y N 17 
A1B9Y C21  C Y N 18 
A1B9Y O01  O N N 19 
A1B9Y O16  O N N 20 
A1B9Y S19  S Y N 21 
A1B9Y H2   H N N 22 
A1B9Y H3   H N N 23 
A1B9Y H4   H N N 24 
A1B9Y H5   H N N 25 
A1B9Y H6   H N N 26 
A1B9Y H7   H N N 27 
A1B9Y H9   H N N 28 
A1B9Y H10  H N N 29 
A1B9Y H11  H N N 30 
A1B9Y H12  H N N 31 
A1B9Y O1   O N N 32 
A1B9Y O2   O N N 33 
A1B9Y H1   H N N 34 
A1B9Y H8   H N N 35 
ALA   N    N N N 36 
ALA   CA   C N S 37 
ALA   C    C N N 38 
ALA   O    O N N 39 
ALA   CB   C N N 40 
ALA   OXT  O N N 41 
ALA   H    H N N 42 
ALA   H2   H N N 43 
ALA   HA   H N N 44 
ALA   HB1  H N N 45 
ALA   HB2  H N N 46 
ALA   HB3  H N N 47 
ALA   HXT  H N N 48 
GLU   N    N N N 49 
GLU   CA   C N S 50 
GLU   C    C N N 51 
GLU   O    O N N 52 
GLU   CB   C N N 53 
GLU   CG   C N N 54 
GLU   CD   C N N 55 
GLU   OE1  O N N 56 
GLU   OE2  O N N 57 
GLU   OXT  O N N 58 
GLU   H    H N N 59 
GLU   H2   H N N 60 
GLU   HA   H N N 61 
GLU   HB2  H N N 62 
GLU   HB3  H N N 63 
GLU   HG2  H N N 64 
GLU   HG3  H N N 65 
GLU   HE2  H N N 66 
GLU   HXT  H N N 67 
GLY   N    N N N 68 
GLY   CA   C N N 69 
GLY   C    C N N 70 
GLY   O    O N N 71 
GLY   OXT  O N N 72 
GLY   H    H N N 73 
GLY   H2   H N N 74 
GLY   HA2  H N N 75 
GLY   HA3  H N N 76 
GLY   HXT  H N N 77 
VAL   N    N N N 78 
VAL   CA   C N S 79 
VAL   C    C N N 80 
VAL   O    O N N 81 
VAL   CB   C N N 82 
VAL   CG1  C N N 83 
VAL   CG2  C N N 84 
VAL   OXT  O N N 85 
VAL   H    H N N 86 
VAL   H2   H N N 87 
VAL   HA   H N N 88 
VAL   HB   H N N 89 
VAL   HG11 H N N 90 
VAL   HG12 H N N 91 
VAL   HG13 H N N 92 
VAL   HG21 H N N 93 
VAL   HG22 H N N 94 
VAL   HG23 H N N 95 
VAL   HXT  H N N 96 
# 
loop_
_chem_comp_bond.comp_id 
_chem_comp_bond.atom_id_1 
_chem_comp_bond.atom_id_2 
_chem_comp_bond.value_order 
_chem_comp_bond.pdbx_aromatic_flag 
_chem_comp_bond.pdbx_stereo_config 
_chem_comp_bond.pdbx_ordinal 
A1B9Y C17 C18  doub Y N 1  
A1B9Y C17 C14  sing Y N 2  
A1B9Y C18 C11  sing Y N 3  
A1B9Y C15 C14  sing N N 4  
A1B9Y C15 O16  doub N N 5  
A1B9Y C14 C13  doub Y N 6  
A1B9Y C09 C08  sing Y N 7  
A1B9Y C09 C10  doub Y N 8  
A1B9Y C11 C10  sing N N 9  
A1B9Y C11 C12  doub Y N 10 
A1B9Y C08 C07  doub Y N 11 
A1B9Y C10 S19  sing Y N 12 
A1B9Y C13 C12  sing Y N 13 
A1B9Y C07 S19  sing Y N 14 
A1B9Y C07 C06  sing N N 15 
A1B9Y C20 C06  doub Y N 16 
A1B9Y C20 C21  sing Y N 17 
A1B9Y C06 C05  sing Y N 18 
A1B9Y C21 C03  doub Y N 19 
A1B9Y C05 C04  doub Y N 20 
A1B9Y C03 C04  sing Y N 21 
A1B9Y C03 C02  sing N N 22 
A1B9Y C02 O01  doub N N 23 
A1B9Y C04 H2   sing N N 24 
A1B9Y C05 H3   sing N N 25 
A1B9Y C08 H4   sing N N 26 
A1B9Y C09 H5   sing N N 27 
A1B9Y C12 H6   sing N N 28 
A1B9Y C13 H7   sing N N 29 
A1B9Y C17 H9   sing N N 30 
A1B9Y C18 H10  sing N N 31 
A1B9Y C20 H11  sing N N 32 
A1B9Y C21 H12  sing N N 33 
A1B9Y C02 O1   sing N N 34 
A1B9Y C15 O2   sing N N 35 
A1B9Y O1  H1   sing N N 36 
A1B9Y O2  H8   sing N N 37 
ALA   N   CA   sing N N 38 
ALA   N   H    sing N N 39 
ALA   N   H2   sing N N 40 
ALA   CA  C    sing N N 41 
ALA   CA  CB   sing N N 42 
ALA   CA  HA   sing N N 43 
ALA   C   O    doub N N 44 
ALA   C   OXT  sing N N 45 
ALA   CB  HB1  sing N N 46 
ALA   CB  HB2  sing N N 47 
ALA   CB  HB3  sing N N 48 
ALA   OXT HXT  sing N N 49 
GLU   N   CA   sing N N 50 
GLU   N   H    sing N N 51 
GLU   N   H2   sing N N 52 
GLU   CA  C    sing N N 53 
GLU   CA  CB   sing N N 54 
GLU   CA  HA   sing N N 55 
GLU   C   O    doub N N 56 
GLU   C   OXT  sing N N 57 
GLU   CB  CG   sing N N 58 
GLU   CB  HB2  sing N N 59 
GLU   CB  HB3  sing N N 60 
GLU   CG  CD   sing N N 61 
GLU   CG  HG2  sing N N 62 
GLU   CG  HG3  sing N N 63 
GLU   CD  OE1  doub N N 64 
GLU   CD  OE2  sing N N 65 
GLU   OE2 HE2  sing N N 66 
GLU   OXT HXT  sing N N 67 
GLY   N   CA   sing N N 68 
GLY   N   H    sing N N 69 
GLY   N   H2   sing N N 70 
GLY   CA  C    sing N N 71 
GLY   CA  HA2  sing N N 72 
GLY   CA  HA3  sing N N 73 
GLY   C   O    doub N N 74 
GLY   C   OXT  sing N N 75 
GLY   OXT HXT  sing N N 76 
VAL   N   CA   sing N N 77 
VAL   N   H    sing N N 78 
VAL   N   H2   sing N N 79 
VAL   CA  C    sing N N 80 
VAL   CA  CB   sing N N 81 
VAL   CA  HA   sing N N 82 
VAL   C   O    doub N N 83 
VAL   C   OXT  sing N N 84 
VAL   CB  CG1  sing N N 85 
VAL   CB  CG2  sing N N 86 
VAL   CB  HB   sing N N 87 
VAL   CG1 HG11 sing N N 88 
VAL   CG1 HG12 sing N N 89 
VAL   CG1 HG13 sing N N 90 
VAL   CG2 HG21 sing N N 91 
VAL   CG2 HG22 sing N N 92 
VAL   CG2 HG23 sing N N 93 
VAL   OXT HXT  sing N N 94 
# 
_em_admin.current_status     REL 
_em_admin.deposition_date    2025-04-15 
_em_admin.deposition_site    RCSB 
_em_admin.entry_id           9O7J 
_em_admin.last_update        2025-09-03 
_em_admin.map_release_date   2025-07-30 
_em_admin.title              'Cryo-EM of VEVAG Peptide 1' 
# 
_em_ctf_correction.details                  ? 
_em_ctf_correction.em_image_processing_id   1 
_em_ctf_correction.id                       1 
_em_ctf_correction.type                     'PHASE FLIPPING AND AMPLITUDE CORRECTION' 
# 
_em_entity_assembly_naturalsource.cell                 ? 
_em_entity_assembly_naturalsource.cellular_location    ? 
_em_entity_assembly_naturalsource.entity_assembly_id   1 
_em_entity_assembly_naturalsource.id                   2 
_em_entity_assembly_naturalsource.ncbi_tax_id          32630 
_em_entity_assembly_naturalsource.organism             'synthetic construct' 
_em_entity_assembly_naturalsource.organelle            ? 
_em_entity_assembly_naturalsource.organ                ? 
_em_entity_assembly_naturalsource.strain               ? 
_em_entity_assembly_naturalsource.tissue               ? 
_em_entity_assembly_naturalsource.details              ? 
# 
_em_helical_entity.id                             1 
_em_helical_entity.image_processing_id            1 
_em_helical_entity.details                        ? 
_em_helical_entity.axial_symmetry                 C2 
_em_helical_entity.angular_rotation_per_subunit   -4.29 
_em_helical_entity.axial_rise_per_subunit         4.75 
# 
_em_image_processing.details              ? 
_em_image_processing.id                   1 
_em_image_processing.image_recording_id   1 
# 
_em_image_recording.average_exposure_time               ? 
_em_image_recording.avg_electron_dose_per_subtomogram   ? 
_em_image_recording.avg_electron_dose_per_image         50 
_em_image_recording.details                             ? 
_em_image_recording.detector_mode                       ? 
_em_image_recording.film_or_detector_model              'GATAN K3 (6k x 4k)' 
_em_image_recording.id                                  1 
_em_image_recording.imaging_id                          1 
_em_image_recording.num_diffraction_images              ? 
_em_image_recording.num_grids_imaged                    ? 
_em_image_recording.num_real_images                     ? 
# 
loop_
_em_software.category 
_em_software.details 
_em_software.id 
_em_software.image_processing_id 
_em_software.fitting_id 
_em_software.imaging_id 
_em_software.name 
_em_software.version 
_em_software.reference_DOI 
'PARTICLE SELECTION'       ? 1  1 ? ? ?      ?           ? 
'MODEL REFINEMENT'         ? 2  ? ? ? PHENIX 1.18.2_3874 ? 
'IMAGE ACQUISITION'        ? 3  ? ? 1 ?      ?           ? 
MASKING                    ? 4  ? ? ? ?      ?           ? 
'CTF CORRECTION'           ? 5  1 ? ? ?      ?           ? 
'LAYERLINE INDEXING'       ? 6  ? ? ? ?      ?           ? 
'DIFFRACTION INDEXING'     ? 7  ? ? ? ?      ?           ? 
'MODEL FITTING'            ? 8  ? ? ? ?      ?           ? 
OTHER                      ? 9  ? ? ? ?      ?           ? 
'INITIAL EULER ASSIGNMENT' ? 10 1 ? ? ?      ?           ? 
'FINAL EULER ASSIGNMENT'   ? 11 1 ? ? ?      ?           ? 
CLASSIFICATION             ? 12 1 ? ? ?      ?           ? 
RECONSTRUCTION             ? 13 1 ? ? ?      ?           ? 
# 
_em_specimen.concentration           ? 
_em_specimen.details                 ? 
_em_specimen.embedding_applied       NO 
_em_specimen.experiment_id           1 
_em_specimen.id                      1 
_em_specimen.shadowing_applied       NO 
_em_specimen.staining_applied        NO 
_em_specimen.vitrification_applied   YES 
# 
_pdbx_audit_support.funding_organization   
'National Institutes of Health/National Institute of General Medical Sciences (NIH/NIGMS)' 
_pdbx_audit_support.country                'United States' 
_pdbx_audit_support.grant_number           GM138756 
_pdbx_audit_support.ordinal                1 
# 
_atom_sites.entry_id                    9O7J 
_atom_sites.Cartn_transf_matrix[1][1]   ? 
_atom_sites.Cartn_transf_matrix[1][2]   ? 
_atom_sites.Cartn_transf_matrix[1][3]   ? 
_atom_sites.Cartn_transf_matrix[2][1]   ? 
_atom_sites.Cartn_transf_matrix[2][2]   ? 
_atom_sites.Cartn_transf_matrix[2][3]   ? 
_atom_sites.Cartn_transf_matrix[3][1]   ? 
_atom_sites.Cartn_transf_matrix[3][2]   ? 
_atom_sites.Cartn_transf_matrix[3][3]   ? 
_atom_sites.Cartn_transf_vector[1]      ? 
_atom_sites.Cartn_transf_vector[2]      ? 
_atom_sites.Cartn_transf_vector[3]      ? 
_atom_sites.Cartn_transform_axes        ? 
_atom_sites.fract_transf_matrix[1][1]   1.000000 
_atom_sites.fract_transf_matrix[1][2]   0.000000 
_atom_sites.fract_transf_matrix[1][3]   0.000000 
_atom_sites.fract_transf_matrix[2][1]   0.000000 
_atom_sites.fract_transf_matrix[2][2]   1.000000 
_atom_sites.fract_transf_matrix[2][3]   0.000000 
_atom_sites.fract_transf_matrix[3][1]   0.000000 
_atom_sites.fract_transf_matrix[3][2]   0.000000 
_atom_sites.fract_transf_matrix[3][3]   1.000000 
_atom_sites.fract_transf_vector[1]      0.00000 
_atom_sites.fract_transf_vector[2]      0.00000 
_atom_sites.fract_transf_vector[3]      0.00000 
_atom_sites.solution_primary            ? 
_atom_sites.solution_secondary          ? 
_atom_sites.solution_hydrogens          ? 
_atom_sites.special_details             ? 
# 
loop_
_atom_type.symbol 
C 
N 
O 
S 
# 
loop_
_atom_site.group_PDB 
_atom_site.id 
_atom_site.type_symbol 
_atom_site.label_atom_id 
_atom_site.label_alt_id 
_atom_site.label_comp_id 
_atom_site.label_asym_id 
_atom_site.label_entity_id 
_atom_site.label_seq_id 
_atom_site.pdbx_PDB_ins_code 
_atom_site.Cartn_x 
_atom_site.Cartn_y 
_atom_site.Cartn_z 
_atom_site.occupancy 
_atom_site.B_iso_or_equiv 
_atom_site.pdbx_formal_charge 
_atom_site.auth_seq_id 
_atom_site.auth_comp_id 
_atom_site.auth_asym_id 
_atom_site.auth_atom_id 
_atom_site.pdbx_PDB_model_num 
ATOM   1   N N   . GLY   A 1 1 ? 4.655   4.525   7.398   1.00 61.27 ? 1   GLY   C N   1 
ATOM   2   C CA  . GLY   A 1 1 ? 6.021   4.363   7.865   1.00 61.27 ? 1   GLY   C CA  1 
ATOM   3   C C   . GLY   A 1 1 ? 6.736   5.671   8.140   1.00 61.27 ? 1   GLY   C C   1 
ATOM   4   O O   . GLY   A 1 1 ? 6.112   6.726   8.201   1.00 61.27 ? 1   GLY   C O   1 
ATOM   5   N N   . ALA   A 1 2 ? 8.054   5.608   8.303   1.00 65.09 ? 2   ALA   C N   1 
ATOM   6   C CA  . ALA   A 1 2 ? 8.839   6.812   8.539   1.00 65.09 ? 2   ALA   C CA  1 
ATOM   7   C C   . ALA   A 1 2 ? 10.253  6.596   8.031   1.00 65.09 ? 2   ALA   C C   1 
ATOM   8   O O   . ALA   A 1 2 ? 11.015  5.827   8.624   1.00 65.09 ? 2   ALA   C O   1 
ATOM   9   C CB  . ALA   A 1 2 ? 8.851   7.178   10.023  1.00 65.09 ? 2   ALA   C CB  1 
ATOM   10  N N   . VAL   A 1 3 ? 10.596  7.278   6.945   1.00 71.96 ? 3   VAL   C N   1 
ATOM   11  C CA  . VAL   A 1 3 ? 11.956  7.325   6.423   1.00 71.96 ? 3   VAL   C CA  1 
ATOM   12  C C   . VAL   A 1 3 ? 12.689  8.504   7.050   1.00 71.96 ? 3   VAL   C C   1 
ATOM   13  O O   . VAL   A 1 3 ? 12.168  9.626   7.089   1.00 71.96 ? 3   VAL   C O   1 
ATOM   14  C CB  . VAL   A 1 3 ? 11.955  7.395   4.886   1.00 71.96 ? 3   VAL   C CB  1 
ATOM   15  C CG1 . VAL   A 1 3 ? 11.203  8.593   4.416   1.00 71.96 ? 3   VAL   C CG1 1 
ATOM   16  C CG2 . VAL   A 1 3 ? 13.373  7.498   4.371   1.00 71.96 ? 3   VAL   C CG2 1 
ATOM   17  N N   . GLU   A 1 4 ? 13.882  8.242   7.576   1.00 81.20 ? 4   GLU   C N   1 
ATOM   18  C CA  . GLU   A 1 4 ? 14.663  9.234   8.300   1.00 81.20 ? 4   GLU   C CA  1 
ATOM   19  C C   . GLU   A 1 4 ? 16.000  9.432   7.605   1.00 81.20 ? 4   GLU   C C   1 
ATOM   20  O O   . GLU   A 1 4 ? 16.706  8.458   7.322   1.00 81.20 ? 4   GLU   C O   1 
ATOM   21  C CB  . GLU   A 1 4 ? 14.884  8.806   9.752   1.00 81.20 ? 4   GLU   C CB  1 
ATOM   22  C CG  . GLU   A 1 4 ? 13.606  8.486   10.507  1.00 81.20 ? 4   GLU   C CG  1 
ATOM   23  C CD  . GLU   A 1 4 ? 12.841  9.730   10.912  1.00 81.20 ? 4   GLU   C CD  1 
ATOM   24  O OE1 . GLU   A 1 4 ? 13.488  10.764  11.186  1.00 81.20 ? 4   GLU   C OE1 1 
ATOM   25  O OE2 . GLU   A 1 4 ? 11.595  9.675   10.959  1.00 81.20 ? 4   GLU   C OE2 1 
ATOM   26  N N   . VAL   A 1 5 ? 16.345  10.686  7.334   1.00 87.58 ? 5   VAL   C N   1 
ATOM   27  C CA  . VAL   A 1 5 ? 17.601  11.012  6.673   1.00 87.58 ? 5   VAL   C CA  1 
ATOM   28  C C   . VAL   A 1 5 ? 18.018  12.436  7.028   1.00 87.58 ? 5   VAL   C C   1 
ATOM   29  O O   . VAL   A 1 5 ? 19.196  12.789  6.975   1.00 87.58 ? 5   VAL   C O   1 
ATOM   30  C CB  . VAL   A 1 5 ? 17.490  10.829  5.145   1.00 87.58 ? 5   VAL   C CB  1 
ATOM   31  C CG1 . VAL   A 1 5 ? 16.602  11.902  4.540   1.00 87.58 ? 5   VAL   C CG1 1 
ATOM   32  C CG2 . VAL   A 1 5 ? 18.868  10.841  4.500   1.00 87.58 ? 5   VAL   C CG2 1 
ATOM   33  O OXT . VAL   A 1 5 ? 17.187  13.269  7.392   1.00 87.58 ? 5   VAL   C OXT 1 
ATOM   34  N N   . GLY   B 1 1 ? -10.717 7.443   7.975   1.00 59.37 ? 101 GLY   D N   1 
ATOM   35  C CA  . GLY   B 1 1 ? -12.016 7.160   7.393   1.00 59.37 ? 101 GLY   D CA  1 
ATOM   36  C C   . GLY   B 1 1 ? -13.136 7.073   8.411   1.00 59.37 ? 101 GLY   D C   1 
ATOM   37  O O   . GLY   B 1 1 ? -14.284 6.791   8.064   1.00 59.37 ? 101 GLY   D O   1 
ATOM   38  N N   . GLY   C 1 1 ? 3.981   2.194   4.256   1.00 55.86 ? 1   GLY   B N   1 
ATOM   39  C CA  . GLY   C 1 1 ? 5.284   1.553   4.271   1.00 55.86 ? 1   GLY   B CA  1 
ATOM   40  C C   . GLY   C 1 1 ? 6.461   2.509   4.272   1.00 55.86 ? 1   GLY   B C   1 
ATOM   41  O O   . GLY   C 1 1 ? 6.304   3.698   4.541   1.00 55.86 ? 1   GLY   B O   1 
ATOM   42  N N   . ALA   C 1 2 ? 7.645   1.985   3.968   1.00 59.03 ? 2   ALA   B N   1 
ATOM   43  C CA  . ALA   C 1 2 ? 8.865   2.779   3.909   1.00 59.03 ? 2   ALA   B CA  1 
ATOM   44  C C   . ALA   C 1 2 ? 9.757   2.236   2.805   1.00 59.03 ? 2   ALA   B C   1 
ATOM   45  O O   . ALA   C 1 2 ? 10.015  1.030   2.754   1.00 59.03 ? 2   ALA   B O   1 
ATOM   46  C CB  . ALA   C 1 2 ? 9.607   2.753   5.248   1.00 59.03 ? 2   ALA   B CB  1 
ATOM   47  N N   . VAL   C 1 3 ? 10.227  3.119   1.928   1.00 59.40 ? 3   VAL   B N   1 
ATOM   48  C CA  . VAL   C 1 3 ? 11.084  2.724   0.814   1.00 59.40 ? 3   VAL   B CA  1 
ATOM   49  C C   . VAL   C 1 3 ? 12.048  3.859   0.501   1.00 59.40 ? 3   VAL   B C   1 
ATOM   50  O O   . VAL   C 1 3 ? 11.654  5.027   0.457   1.00 59.40 ? 3   VAL   B O   1 
ATOM   51  C CB  . VAL   C 1 3 ? 10.259  2.324   -0.426  1.00 59.40 ? 3   VAL   B CB  1 
ATOM   52  C CG1 . VAL   C 1 3 ? 9.311   3.419   -0.819  1.00 59.40 ? 3   VAL   B CG1 1 
ATOM   53  C CG2 . VAL   C 1 3 ? 11.179  1.987   -1.590  1.00 59.40 ? 3   VAL   B CG2 1 
ATOM   54  N N   . GLU   C 1 4 ? 13.318  3.514   0.306   1.00 67.78 ? 4   GLU   B N   1 
ATOM   55  C CA  . GLU   C 1 4 ? 14.353  4.472   -0.057  1.00 67.78 ? 4   GLU   B CA  1 
ATOM   56  C C   . GLU   C 1 4 ? 14.957  4.069   -1.394  1.00 67.78 ? 4   GLU   B C   1 
ATOM   57  O O   . GLU   C 1 4 ? 15.271  2.893   -1.604  1.00 67.78 ? 4   GLU   B O   1 
ATOM   58  C CB  . GLU   C 1 4 ? 15.442  4.539   1.013   1.00 67.78 ? 4   GLU   B CB  1 
ATOM   59  C CG  . GLU   C 1 4 ? 16.604  5.437   0.647   1.00 67.78 ? 4   GLU   B CG  1 
ATOM   60  C CD  . GLU   C 1 4 ? 17.340  5.961   1.860   1.00 67.78 ? 4   GLU   B CD  1 
ATOM   61  O OE1 . GLU   C 1 4 ? 16.675  6.286   2.864   1.00 67.78 ? 4   GLU   B OE1 1 
ATOM   62  O OE2 . GLU   C 1 4 ? 18.583  6.050   1.809   1.00 67.78 ? 4   GLU   B OE2 1 
ATOM   63  N N   . VAL   C 1 5 ? 15.119  5.048   -2.282  1.00 68.95 ? 5   VAL   B N   1 
ATOM   64  C CA  . VAL   C 1 5 ? 15.650  4.855   -3.634  1.00 68.95 ? 5   VAL   B CA  1 
ATOM   65  C C   . VAL   C 1 5 ? 14.746  3.949   -4.462  1.00 68.95 ? 5   VAL   B C   1 
ATOM   66  O O   . VAL   C 1 5 ? 14.566  2.766   -4.182  1.00 68.95 ? 5   VAL   B O   1 
ATOM   67  C CB  . VAL   C 1 5 ? 17.090  4.306   -3.604  1.00 68.95 ? 5   VAL   B CB  1 
ATOM   68  C CG1 . VAL   C 1 5 ? 17.497  3.805   -4.980  1.00 68.95 ? 5   VAL   B CG1 1 
ATOM   69  C CG2 . VAL   C 1 5 ? 18.052  5.377   -3.121  1.00 68.95 ? 5   VAL   B CG2 1 
ATOM   70  O OXT . VAL   C 1 5 ? 14.165  4.388   -5.452  1.00 68.95 ? 5   VAL   B OXT 1 
ATOM   71  N N   . GLY   D 1 1 ? -11.014 3.735   1.412   1.00 52.27 ? 101 GLY   F N   1 
ATOM   72  C CA  . GLY   D 1 1 ? -12.193 3.299   0.664   1.00 52.27 ? 101 GLY   F CA  1 
ATOM   73  C C   . GLY   D 1 1 ? -12.671 1.860   0.824   1.00 52.27 ? 101 GLY   F C   1 
ATOM   74  O O   . GLY   D 1 1 ? -11.879 0.927   0.723   1.00 52.27 ? 101 GLY   F O   1 
ATOM   75  N N   . ALA   D 1 2 ? -13.977 1.676   1.039   1.00 53.99 ? 102 ALA   F N   1 
ATOM   76  C CA  . ALA   D 1 2 ? -14.520 0.379   1.419   1.00 53.99 ? 102 ALA   F CA  1 
ATOM   77  C C   . ALA   D 1 2 ? -15.916 0.177   0.846   1.00 53.99 ? 102 ALA   F C   1 
ATOM   78  O O   . ALA   D 1 2 ? -16.706 1.120   0.767   1.00 53.99 ? 102 ALA   F O   1 
ATOM   79  C CB  . ALA   D 1 2 ? -14.563 0.236   2.944   1.00 53.99 ? 102 ALA   F CB  1 
ATOM   80  N N   . VAL   D 1 3 ? -16.217 -1.066  0.469   1.00 64.78 ? 103 VAL   F N   1 
ATOM   81  C CA  . VAL   D 1 3 ? -17.473 -1.413  -0.192  1.00 64.78 ? 103 VAL   F CA  1 
ATOM   82  C C   . VAL   D 1 3 ? -18.567 -1.636  0.843   1.00 64.78 ? 103 VAL   F C   1 
ATOM   83  O O   . VAL   D 1 3 ? -18.312 -2.099  1.961   1.00 64.78 ? 103 VAL   F O   1 
ATOM   84  C CB  . VAL   D 1 3 ? -17.283 -2.654  -1.086  1.00 64.78 ? 103 VAL   F CB  1 
ATOM   85  C CG1 . VAL   D 1 3 ? -16.799 -3.797  -0.283  1.00 64.78 ? 103 VAL   F CG1 1 
ATOM   86  C CG2 . VAL   D 1 3 ? -18.578 -3.056  -1.766  1.00 64.78 ? 103 VAL   F CG2 1 
ATOM   87  N N   . GLU   D 1 4 ? -19.796 -1.295  0.466   1.00 76.90 ? 104 GLU   F N   1 
ATOM   88  C CA  . GLU   D 1 4 ? -21.003 -1.496  1.248   1.00 76.90 ? 104 GLU   F CA  1 
ATOM   89  C C   . GLU   D 1 4 ? -21.941 -2.428  0.485   1.00 76.90 ? 104 GLU   F C   1 
ATOM   90  O O   . GLU   D 1 4 ? -21.568 -3.019  -0.533  1.00 76.90 ? 104 GLU   F O   1 
ATOM   91  C CB  . GLU   D 1 4 ? -21.666 -0.153  1.547   1.00 76.90 ? 104 GLU   F CB  1 
ATOM   92  C CG  . GLU   D 1 4 ? -21.167 0.530   2.799   1.00 76.90 ? 104 GLU   F CG  1 
ATOM   93  C CD  . GLU   D 1 4 ? -22.059 1.678   3.219   1.00 76.90 ? 104 GLU   F CD  1 
ATOM   94  O OE1 . GLU   D 1 4 ? -23.282 1.464   3.350   1.00 76.90 ? 104 GLU   F OE1 1 
ATOM   95  O OE2 . GLU   D 1 4 ? -21.538 2.795   3.416   1.00 76.90 ? 104 GLU   F OE2 1 
ATOM   96  N N   . VAL   D 1 5 ? -23.161 -2.573  0.991   1.00 81.53 ? 105 VAL   F N   1 
ATOM   97  C CA  . VAL   D 1 5 ? -24.219 -3.236  0.234   1.00 81.53 ? 105 VAL   F CA  1 
ATOM   98  C C   . VAL   D 1 5 ? -24.481 -2.512  -1.084  1.00 81.53 ? 105 VAL   F C   1 
ATOM   99  O O   . VAL   D 1 5 ? -24.036 -1.385  -1.298  1.00 81.53 ? 105 VAL   F O   1 
ATOM   100 C CB  . VAL   D 1 5 ? -25.519 -3.346  1.051   1.00 81.53 ? 105 VAL   F CB  1 
ATOM   101 C CG1 . VAL   D 1 5 ? -25.384 -4.379  2.128   1.00 81.53 ? 105 VAL   F CG1 1 
ATOM   102 C CG2 . VAL   D 1 5 ? -25.838 -2.013  1.694   1.00 81.53 ? 105 VAL   F CG2 1 
ATOM   103 O OXT . VAL   D 1 5 ? -25.147 -3.044  -1.972  1.00 81.53 ? 105 VAL   F OXT 1 
ATOM   104 N N   . GLY   E 1 1 ? 7.414   -5.149  -1.016  1.00 51.23 ? 1   GLY   A N   1 
ATOM   105 C CA  . GLY   E 1 1 ? 8.819   -5.296  -0.702  1.00 51.23 ? 1   GLY   A CA  1 
ATOM   106 C C   . GLY   E 1 1 ? 9.710   -4.726  -1.782  1.00 51.23 ? 1   GLY   A C   1 
ATOM   107 O O   . GLY   E 1 1 ? 9.850   -3.512  -1.906  1.00 51.23 ? 1   GLY   A O   1 
ATOM   108 N N   . ALA   E 1 2 ? 10.319  -5.609  -2.567  1.00 50.36 ? 2   ALA   A N   1 
ATOM   109 C CA  . ALA   E 1 2 ? 11.202  -5.206  -3.659  1.00 50.36 ? 2   ALA   A CA  1 
ATOM   110 C C   . ALA   E 1 2 ? 10.973  -6.173  -4.815  1.00 50.36 ? 2   ALA   A C   1 
ATOM   111 O O   . ALA   E 1 2 ? 11.564  -7.256  -4.852  1.00 50.36 ? 2   ALA   A O   1 
ATOM   112 C CB  . ALA   E 1 2 ? 12.660  -5.199  -3.220  1.00 50.36 ? 2   ALA   A CB  1 
ATOM   113 N N   . VAL   E 1 3 ? 10.118  -5.779  -5.753  1.00 51.55 ? 3   VAL   A N   1 
ATOM   114 C CA  . VAL   E 1 3 ? 9.793   -6.592  -6.917  1.00 51.55 ? 3   VAL   A CA  1 
ATOM   115 C C   . VAL   E 1 3 ? 10.609  -6.095  -8.099  1.00 51.55 ? 3   VAL   A C   1 
ATOM   116 O O   . VAL   E 1 3 ? 10.619  -4.893  -8.396  1.00 51.55 ? 3   VAL   A O   1 
ATOM   117 C CB  . VAL   E 1 3 ? 8.289   -6.541  -7.228  1.00 51.55 ? 3   VAL   A CB  1 
ATOM   118 C CG1 . VAL   E 1 3 ? 7.931   -7.581  -8.268  1.00 51.55 ? 3   VAL   A CG1 1 
ATOM   119 C CG2 . VAL   E 1 3 ? 7.482   -6.745  -5.963  1.00 51.55 ? 3   VAL   A CG2 1 
ATOM   120 N N   . GLU   E 1 4 ? 11.298  -7.012  -8.770  1.00 52.06 ? 4   GLU   A N   1 
ATOM   121 C CA  . GLU   E 1 4 ? 12.072  -6.712  -9.971  1.00 52.06 ? 4   GLU   A CA  1 
ATOM   122 C C   . GLU   E 1 4 ? 11.561  -7.625  -11.081 1.00 52.06 ? 4   GLU   A C   1 
ATOM   123 O O   . GLU   E 1 4 ? 12.092  -8.717  -11.293 1.00 52.06 ? 4   GLU   A O   1 
ATOM   124 C CB  . GLU   E 1 4 ? 13.566  -6.904  -9.733  1.00 52.06 ? 4   GLU   A CB  1 
ATOM   125 C CG  . GLU   E 1 4 ? 14.235  -5.763  -8.994  1.00 52.06 ? 4   GLU   A CG  1 
ATOM   126 C CD  . GLU   E 1 4 ? 14.056  -5.856  -7.497  1.00 52.06 ? 4   GLU   A CD  1 
ATOM   127 O OE1 . GLU   E 1 4 ? 13.448  -6.841  -7.031  1.00 52.06 ? 4   GLU   A OE1 1 
ATOM   128 O OE2 . GLU   E 1 4 ? 14.520  -4.942  -6.785  1.00 52.06 ? 4   GLU   A OE2 1 
ATOM   129 N N   . VAL   E 1 5 ? 10.533  -7.174  -11.789 1.00 51.98 ? 5   VAL   A N   1 
ATOM   130 C CA  . VAL   E 1 5 ? 9.969   -7.956  -12.878 1.00 51.98 ? 5   VAL   A CA  1 
ATOM   131 C C   . VAL   E 1 5 ? 10.879  -7.870  -14.094 1.00 51.98 ? 5   VAL   A C   1 
ATOM   132 O O   . VAL   E 1 5 ? 11.212  -8.879  -14.714 1.00 51.98 ? 5   VAL   A O   1 
ATOM   133 C CB  . VAL   E 1 5 ? 8.545   -7.491  -13.220 1.00 51.98 ? 5   VAL   A CB  1 
ATOM   134 C CG1 . VAL   E 1 5 ? 8.118   -8.034  -14.571 1.00 51.98 ? 5   VAL   A CG1 1 
ATOM   135 C CG2 . VAL   E 1 5 ? 7.576   -7.935  -12.141 1.00 51.98 ? 5   VAL   A CG2 1 
ATOM   136 O OXT . VAL   E 1 5 ? 11.317  -6.788  -14.482 1.00 51.98 ? 5   VAL   A OXT 1 
ATOM   137 N N   . GLY   F 1 1 ? -7.901  -1.689  -1.526  1.00 53.08 ? 101 GLY   H N   1 
ATOM   138 C CA  . GLY   F 1 1 ? -9.245  -1.173  -1.380  1.00 53.08 ? 101 GLY   H CA  1 
ATOM   139 C C   . GLY   F 1 1 ? -10.211 -2.222  -0.882  1.00 53.08 ? 101 GLY   H C   1 
ATOM   140 O O   . GLY   F 1 1 ? -9.988  -2.846  0.153   1.00 53.08 ? 101 GLY   H O   1 
ATOM   141 N N   . ALA   F 1 2 ? -11.299 -2.411  -1.620  1.00 54.55 ? 102 ALA   H N   1 
ATOM   142 C CA  . ALA   F 1 2 ? -12.324 -3.395  -1.275  1.00 54.55 ? 102 ALA   H CA  1 
ATOM   143 C C   . ALA   F 1 2 ? -12.791 -4.017  -2.587  1.00 54.55 ? 102 ALA   H C   1 
ATOM   144 O O   . ALA   F 1 2 ? -13.683 -3.489  -3.256  1.00 54.55 ? 102 ALA   H O   1 
ATOM   145 C CB  . ALA   F 1 2 ? -13.466 -2.755  -0.504  1.00 54.55 ? 102 ALA   H CB  1 
ATOM   146 N N   . VAL   F 1 3 ? -12.186 -5.143  -2.945  1.00 53.99 ? 103 VAL   H N   1 
ATOM   147 C CA  . VAL   F 1 3 ? -12.394 -5.776  -4.239  1.00 53.99 ? 103 VAL   H CA  1 
ATOM   148 C C   . VAL   F 1 3 ? -13.442 -6.868  -4.089  1.00 53.99 ? 103 VAL   H C   1 
ATOM   149 O O   . VAL   F 1 3 ? -13.241 -7.836  -3.346  1.00 53.99 ? 103 VAL   H O   1 
ATOM   150 C CB  . VAL   F 1 3 ? -11.082 -6.347  -4.796  1.00 53.99 ? 103 VAL   H CB  1 
ATOM   151 C CG1 . VAL   F 1 3 ? -11.355 -7.190  -6.028  1.00 53.99 ? 103 VAL   H CG1 1 
ATOM   152 C CG2 . VAL   F 1 3 ? -10.117 -5.223  -5.118  1.00 53.99 ? 103 VAL   H CG2 1 
ATOM   153 N N   . GLU   F 1 4 ? -14.557 -6.717  -4.795  1.00 59.77 ? 104 GLU   H N   1 
ATOM   154 C CA  . GLU   F 1 4 ? -15.582 -7.750  -4.891  1.00 59.77 ? 104 GLU   H CA  1 
ATOM   155 C C   . GLU   F 1 4 ? -15.649 -8.202  -6.343  1.00 59.77 ? 104 GLU   H C   1 
ATOM   156 O O   . GLU   F 1 4 ? -16.068 -7.435  -7.218  1.00 59.77 ? 104 GLU   H O   1 
ATOM   157 C CB  . GLU   F 1 4 ? -16.936 -7.236  -4.412  1.00 59.77 ? 104 GLU   H CB  1 
ATOM   158 C CG  . GLU   F 1 4 ? -18.079 -8.196  -4.664  1.00 59.77 ? 104 GLU   H CG  1 
ATOM   159 C CD  . GLU   F 1 4 ? -19.274 -7.918  -3.781  1.00 59.77 ? 104 GLU   H CD  1 
ATOM   160 O OE1 . GLU   F 1 4 ? -19.192 -7.002  -2.939  1.00 59.77 ? 104 GLU   H OE1 1 
ATOM   161 O OE2 . GLU   F 1 4 ? -20.298 -8.617  -3.928  1.00 59.77 ? 104 GLU   H OE2 1 
ATOM   162 N N   . VAL   F 1 5 ? -15.239 -9.439  -6.599  1.00 66.24 ? 105 VAL   H N   1 
ATOM   163 C CA  . VAL   F 1 5 ? -15.204 -9.965  -7.956  1.00 66.24 ? 105 VAL   H CA  1 
ATOM   164 C C   . VAL   F 1 5 ? -16.573 -10.501 -8.354  1.00 66.24 ? 105 VAL   H C   1 
ATOM   165 O O   . VAL   F 1 5 ? -17.203 -11.249 -7.608  1.00 66.24 ? 105 VAL   H O   1 
ATOM   166 C CB  . VAL   F 1 5 ? -14.130 -11.054 -8.096  1.00 66.24 ? 105 VAL   H CB  1 
ATOM   167 C CG1 . VAL   F 1 5 ? -14.329 -11.836 -9.382  1.00 66.24 ? 105 VAL   H CG1 1 
ATOM   168 C CG2 . VAL   F 1 5 ? -12.746 -10.437 -8.056  1.00 66.24 ? 105 VAL   H CG2 1 
ATOM   169 O OXT . VAL   F 1 5 ? -17.084 -10.199 -9.431  1.00 66.24 ? 105 VAL   H OXT 1 
HETATM 170 C C02 . A1B9Y G 2 . ? 3.906   4.715   8.640   1.00 60.67 ? 201 A1B9Y C C02 1 
HETATM 171 C C03 . A1B9Y G 2 . ? 2.440   5.136   8.636   1.00 60.67 ? 201 A1B9Y C C03 1 
HETATM 172 C C04 . A1B9Y G 2 . ? 1.513   4.534   7.804   1.00 60.67 ? 201 A1B9Y C C04 1 
HETATM 173 C C05 . A1B9Y G 2 . ? 0.187   4.940   7.840   1.00 60.67 ? 201 A1B9Y C C05 1 
HETATM 174 C C06 . A1B9Y G 2 . ? -0.204  5.945   8.706   1.00 60.67 ? 201 A1B9Y C C06 1 
HETATM 175 C C07 . A1B9Y G 2 . ? -1.648  6.434   8.788   1.00 60.67 ? 201 A1B9Y C C07 1 
HETATM 176 C C08 . A1B9Y G 2 . ? -2.043  7.602   9.510   1.00 60.67 ? 201 A1B9Y C C08 1 
HETATM 177 C C09 . A1B9Y G 2 . ? -3.543  7.807   9.393   1.00 60.67 ? 201 A1B9Y C C09 1 
HETATM 178 C C10 . A1B9Y G 2 . ? -4.110  6.769   8.596   1.00 60.67 ? 201 A1B9Y C C10 1 
HETATM 179 C C11 . A1B9Y G 2 . ? -5.596  6.670   8.270   1.00 60.67 ? 201 A1B9Y C C11 1 
HETATM 180 C C12 . A1B9Y G 2 . ? -6.114  5.557   7.634   1.00 60.67 ? 201 A1B9Y C C12 1 
HETATM 181 C C13 . A1B9Y G 2 . ? -7.469  5.497   7.348   1.00 60.67 ? 201 A1B9Y C C13 1 
HETATM 182 C C14 . A1B9Y G 2 . ? -8.301  6.546   7.696   1.00 60.67 ? 201 A1B9Y C C14 1 
HETATM 183 C C15 . A1B9Y G 2 . ? -9.791  6.476   7.381   1.00 60.67 ? 201 A1B9Y C C15 1 
HETATM 184 C C17 . A1B9Y G 2 . ? -7.781  7.656   8.330   1.00 60.67 ? 201 A1B9Y C C17 1 
HETATM 185 C C18 . A1B9Y G 2 . ? -6.431  7.716   8.615   1.00 60.67 ? 201 A1B9Y C C18 1 
HETATM 186 C C20 . A1B9Y G 2 . ? 0.725   6.542   9.535   1.00 60.67 ? 201 A1B9Y C C20 1 
HETATM 187 C C21 . A1B9Y G 2 . ? 2.045   6.135   9.502   1.00 60.67 ? 201 A1B9Y C C21 1 
HETATM 188 O O01 . A1B9Y G 2 . ? 4.446   4.556   9.685   1.00 60.67 ? 201 A1B9Y C O01 1 
HETATM 189 O O16 . A1B9Y G 2 . ? -10.199 5.632   6.657   1.00 60.67 ? 201 A1B9Y C O16 1 
HETATM 190 S S19 . A1B9Y G 2 . ? -2.947  5.755   8.107   1.00 60.67 ? 201 A1B9Y C S19 1 
HETATM 191 C C02 . A1B9Y H 2 . ? 2.990   1.217   3.790   1.00 53.40 ? 201 A1B9Y B C02 1 
HETATM 192 C C03 . A1B9Y H 2 . ? 1.487   1.447   3.965   1.00 53.40 ? 201 A1B9Y B C03 1 
HETATM 193 C C04 . A1B9Y H 2 . ? 0.601   0.425   3.674   1.00 53.40 ? 201 A1B9Y B C04 1 
HETATM 194 C C05 . A1B9Y H 2 . ? -0.766  0.612   3.824   1.00 53.40 ? 201 A1B9Y B C05 1 
HETATM 195 C C06 . A1B9Y H 2 . ? -1.253  1.827   4.264   1.00 53.40 ? 201 A1B9Y B C06 1 
HETATM 196 C C07 . A1B9Y H 2 . ? -2.754  2.054   4.443   1.00 53.40 ? 201 A1B9Y B C07 1 
HETATM 197 C C08 . A1B9Y H 2 . ? -3.328  2.651   5.603   1.00 53.40 ? 201 A1B9Y B C08 1 
HETATM 198 C C09 . A1B9Y H 2 . ? -4.839  2.724   5.456   1.00 53.40 ? 201 A1B9Y B C09 1 
HETATM 199 C C10 . A1B9Y H 2 . ? -5.250  2.147   4.218   1.00 53.40 ? 201 A1B9Y B C10 1 
HETATM 200 C C11 . A1B9Y H 2 . ? -6.715  2.110   3.770   1.00 53.40 ? 201 A1B9Y B C11 1 
HETATM 201 C C12 . A1B9Y H 2 . ? -7.473  1.021   3.308   1.00 53.40 ? 201 A1B9Y B C12 1 
HETATM 202 C C13 . A1B9Y H 2 . ? -8.832  1.120   2.980   1.00 53.40 ? 201 A1B9Y B C13 1 
HETATM 203 C C14 . A1B9Y H 2 . ? -9.372  2.423   3.021   1.00 53.40 ? 201 A1B9Y B C14 1 
HETATM 204 C C15 . A1B9Y H 2 . ? -10.792 2.880   2.640   1.00 53.40 ? 201 A1B9Y B C15 1 
HETATM 205 C C17 . A1B9Y H 2 . ? -8.598  3.465   3.480   1.00 53.40 ? 201 A1B9Y B C17 1 
HETATM 206 C C18 . A1B9Y H 2 . ? -7.292  3.338   3.831   1.00 53.40 ? 201 A1B9Y B C18 1 
HETATM 207 C C20 . A1B9Y H 2 . ? -0.367  2.844   4.560   1.00 53.40 ? 201 A1B9Y B C20 1 
HETATM 208 C C21 . A1B9Y H 2 . ? 0.998   2.659   4.409   1.00 53.40 ? 201 A1B9Y B C21 1 
HETATM 209 O O01 . A1B9Y H 2 . ? 3.360   0.219   3.269   1.00 53.40 ? 201 A1B9Y B O01 1 
HETATM 210 O O16 . A1B9Y H 2 . ? -11.695 2.578   3.345   1.00 53.40 ? 201 A1B9Y B O16 1 
HETATM 211 S S19 . A1B9Y H 2 . ? -3.936  1.668   3.403   1.00 53.40 ? 201 A1B9Y B S19 1 
HETATM 212 C C02 . A1B9Y I 2 . ? 5.992   -4.935  -0.756  1.00 53.82 ? 201 A1B9Y A C02 1 
HETATM 213 C C03 . A1B9Y I 2 . ? 4.670   -4.209  -0.524  1.00 53.82 ? 201 A1B9Y A C03 1 
HETATM 214 C C04 . A1B9Y I 2 . ? 3.556   -4.593  -1.243  1.00 53.82 ? 201 A1B9Y A C04 1 
HETATM 215 C C05 . A1B9Y I 2 . ? 2.348   -3.951  -1.044  1.00 53.82 ? 201 A1B9Y A C05 1 
HETATM 216 C C06 . A1B9Y I 2 . ? 2.256   -2.933  -0.118  1.00 53.82 ? 201 A1B9Y A C06 1 
HETATM 217 C C07 . A1B9Y I 2 . ? 0.925   -2.225  0.092   1.00 53.82 ? 201 A1B9Y A C07 1 
HETATM 218 C C08 . A1B9Y I 2 . ? 0.785   -0.930  0.670   1.00 53.82 ? 201 A1B9Y A C08 1 
HETATM 219 C C09 . A1B9Y I 2 . ? -0.684  -0.541  0.712   1.00 53.82 ? 201 A1B9Y A C09 1 
HETATM 220 C C10 . A1B9Y I 2 . ? -1.476  -1.589  0.157   1.00 53.82 ? 201 A1B9Y A C10 1 
HETATM 221 C C11 . A1B9Y I 2 . ? -2.990  -1.539  0.040   1.00 53.82 ? 201 A1B9Y A C11 1 
HETATM 222 C C12 . A1B9Y I 2 . ? -3.685  -2.592  -0.521  1.00 53.82 ? 201 A1B9Y A C12 1 
HETATM 223 C C13 . A1B9Y I 2 . ? -5.062  -2.524  -0.622  1.00 53.82 ? 201 A1B9Y A C13 1 
HETATM 224 C C14 . A1B9Y I 2 . ? -5.733  -1.408  -0.158  1.00 53.82 ? 201 A1B9Y A C14 1 
HETATM 225 C C15 . A1B9Y I 2 . ? -7.246  -1.330  -0.266  1.00 53.82 ? 201 A1B9Y A C15 1 
HETATM 226 C C17 . A1B9Y I 2 . ? -5.036  -0.358  0.400   1.00 53.82 ? 201 A1B9Y A C17 1 
HETATM 227 C C18 . A1B9Y I 2 . ? -3.662  -0.424  0.498   1.00 53.82 ? 201 A1B9Y A C18 1 
HETATM 228 C C20 . A1B9Y I 2 . ? 3.367   -2.545  0.605   1.00 53.82 ? 201 A1B9Y A C20 1 
HETATM 229 C C21 . A1B9Y I 2 . ? 4.575   -3.188  0.406   1.00 53.82 ? 201 A1B9Y A C21 1 
HETATM 230 O O01 . A1B9Y I 2 . ? 6.379   -3.820  -0.840  1.00 53.82 ? 201 A1B9Y A O01 1 
HETATM 231 O O16 . A1B9Y I 2 . ? -7.881  -0.971  0.665   1.00 53.82 ? 201 A1B9Y A O16 1 
HETATM 232 S S19 . A1B9Y I 2 . ? -0.526  -2.806  -0.313  1.00 53.82 ? 201 A1B9Y A S19 1 
# 
